data_6M5P
#
_entry.id   6M5P
#
_cell.length_a   129.918
_cell.length_b   60.233
_cell.length_c   54.518
_cell.angle_alpha   90.000
_cell.angle_beta   110.710
_cell.angle_gamma   90.000
#
_symmetry.space_group_name_H-M   'C 1 2 1'
#
loop_
_entity.id
_entity.type
_entity.pdbx_description
1 polymer Beta-lactamase
2 non-polymer '(4R,5S)-3-{[(3S,5S)-5-(dimethylcarbamoyl)pyrrolidin-3-yl]sulfanyl}-5-[(2S,3R)-3-hydroxy-1-oxobutan-2-yl]-4-methyl-4,5-d ihydro-1H-pyrrole-2-carboxylic acid'
3 water water
#
_entity_poly.entity_id   1
_entity_poly.type   'polypeptide(L)'
_entity_poly.pdbx_seq_one_letter_code
;MHHHHHHANIDESKIKDTVDDLIQPLMQKNNIPGMSVAVTVNGKNYIYNYGLAAKQPQQPVTENTLFEVGSLSKTFAATL
ASYAQVSGKLSLDQSVSHYVPELRGSSFDHVSVLNVGTHTSGLQLFMPEDIKNTTQLMAYLKAWKPADAAGTHRVFSNIG
TGLLGMIAAKSLGVSYEDAIEKTLLPQLGMHHSYLKVPADQMENYAWGYNKKDEPVHVNMEILGNEAYGIKTTSSDLLRY
VQANMGQLKLDANAKMQQALTATHTGYFKSGEITQDLMWEQLPYPVSLPNLLTGNDMAMTKSVATPIVPPLPPQENVWIN
KTGSTNGFGAYIAFVPAKKMGIVMLANKNYSIDQRVTVAYKILSSLEGNK
;
_entity_poly.pdbx_strand_id   A
#
# COMPACT_ATOMS: atom_id res chain seq x y z
N HIS A 5 28.27 12.30 -10.29
CA HIS A 5 28.56 12.91 -11.59
C HIS A 5 27.81 12.20 -12.70
N HIS A 6 27.36 12.96 -13.68
CA HIS A 6 26.61 12.42 -14.80
C HIS A 6 27.53 11.68 -15.75
N HIS A 7 27.09 10.51 -16.21
CA HIS A 7 27.85 9.72 -17.18
C HIS A 7 26.92 9.24 -18.27
N ALA A 8 27.17 9.67 -19.51
CA ALA A 8 26.43 9.14 -20.64
C ALA A 8 26.64 7.63 -20.72
N ASN A 9 25.60 6.92 -21.13
CA ASN A 9 25.60 5.47 -21.36
C ASN A 9 25.61 4.64 -20.08
N ILE A 10 25.44 5.26 -18.91
CA ILE A 10 25.46 4.58 -17.63
C ILE A 10 24.04 4.55 -17.09
N ASP A 11 23.59 3.37 -16.66
CA ASP A 11 22.21 3.16 -16.23
C ASP A 11 21.70 4.25 -15.29
N GLU A 12 22.43 4.49 -14.21
CA GLU A 12 21.90 5.36 -13.17
C GLU A 12 21.75 6.79 -13.67
N SER A 13 22.61 7.22 -14.59
CA SER A 13 22.51 8.58 -15.13
C SER A 13 21.36 8.70 -16.12
N LYS A 14 21.16 7.71 -16.97
CA LYS A 14 20.05 7.74 -17.92
C LYS A 14 18.71 7.78 -17.19
N ILE A 15 18.58 6.96 -16.15
CA ILE A 15 17.33 6.95 -15.39
C ILE A 15 17.17 8.24 -14.61
N LYS A 16 18.26 8.76 -14.03
CA LYS A 16 18.17 10.00 -13.28
C LYS A 16 17.71 11.16 -14.17
N ASP A 17 18.20 11.21 -15.41
CA ASP A 17 17.76 12.29 -16.29
C ASP A 17 16.25 12.25 -16.48
N THR A 18 15.70 11.06 -16.74
CA THR A 18 14.27 10.93 -16.92
C THR A 18 13.52 11.32 -15.65
N VAL A 19 13.97 10.81 -14.50
CA VAL A 19 13.29 11.06 -13.24
C VAL A 19 13.38 12.54 -12.87
N ASP A 20 14.58 13.12 -12.96
CA ASP A 20 14.75 14.55 -12.69
C ASP A 20 13.78 15.38 -13.52
N ASP A 21 13.67 15.06 -14.80
CA ASP A 21 12.91 15.90 -15.72
C ASP A 21 11.44 15.94 -15.36
N LEU A 22 10.93 14.91 -14.68
CA LEU A 22 9.54 14.84 -14.28
C LEU A 22 9.33 15.24 -12.82
N ILE A 23 10.24 14.87 -11.93
CA ILE A 23 10.03 15.07 -10.50
C ILE A 23 10.28 16.52 -10.12
N GLN A 24 11.30 17.16 -10.68
CA GLN A 24 11.54 18.55 -10.32
C GLN A 24 10.37 19.46 -10.66
N PRO A 25 9.79 19.40 -11.87
CA PRO A 25 8.57 20.19 -12.11
C PRO A 25 7.40 19.77 -11.23
N LEU A 26 7.25 18.47 -10.98
CA LEU A 26 6.16 18.01 -10.12
C LEU A 26 6.27 18.63 -8.72
N MET A 27 7.48 18.67 -8.16
CA MET A 27 7.65 19.22 -6.82
C MET A 27 7.42 20.73 -6.80
N GLN A 28 7.93 21.43 -7.81
CA GLN A 28 7.66 22.87 -7.87
C GLN A 28 6.17 23.15 -7.97
N LYS A 29 5.48 22.50 -8.91
CA LYS A 29 4.10 22.89 -9.16
C LYS A 29 3.19 22.57 -7.99
N ASN A 30 3.55 21.59 -7.18
CA ASN A 30 2.73 21.18 -6.05
C ASN A 30 3.29 21.66 -4.71
N ASN A 31 4.39 22.41 -4.72
CA ASN A 31 5.07 22.87 -3.52
C ASN A 31 5.39 21.72 -2.58
N ILE A 32 5.90 20.63 -3.15
CA ILE A 32 6.29 19.45 -2.39
C ILE A 32 7.69 19.67 -1.85
N PRO A 33 7.89 19.67 -0.53
CA PRO A 33 9.24 19.95 -0.01
C PRO A 33 10.26 18.90 -0.38
N GLY A 34 9.89 17.63 -0.28
CA GLY A 34 10.86 16.55 -0.45
C GLY A 34 10.23 15.31 -1.03
N MET A 35 11.02 14.58 -1.81
CA MET A 35 10.58 13.33 -2.39
C MET A 35 11.73 12.34 -2.46
N SER A 36 11.38 11.07 -2.45
CA SER A 36 12.31 10.03 -2.88
C SER A 36 11.61 9.16 -3.91
N VAL A 37 12.34 8.84 -4.96
CA VAL A 37 11.82 7.99 -6.04
C VAL A 37 12.78 6.83 -6.20
N ALA A 38 12.24 5.61 -6.12
CA ALA A 38 13.03 4.40 -6.27
C ALA A 38 12.50 3.63 -7.45
N VAL A 39 13.41 3.13 -8.29
CA VAL A 39 13.08 2.41 -9.51
C VAL A 39 13.87 1.12 -9.52
N THR A 40 13.22 0.03 -9.91
CA THR A 40 13.90 -1.24 -10.16
C THR A 40 13.63 -1.68 -11.60
N VAL A 41 14.69 -2.16 -12.26
CA VAL A 41 14.57 -2.69 -13.62
C VAL A 41 15.79 -3.57 -13.88
N ASN A 42 15.57 -4.71 -14.55
CA ASN A 42 16.65 -5.64 -14.89
C ASN A 42 17.41 -6.11 -13.64
N GLY A 43 16.72 -6.21 -12.52
CA GLY A 43 17.36 -6.66 -11.29
C GLY A 43 18.25 -5.65 -10.63
N LYS A 44 18.24 -4.39 -11.07
CA LYS A 44 19.06 -3.35 -10.51
C LYS A 44 18.18 -2.24 -9.95
N ASN A 45 18.68 -1.58 -8.90
CA ASN A 45 17.89 -0.65 -8.12
C ASN A 45 18.52 0.74 -8.12
N TYR A 46 17.67 1.77 -8.18
CA TYR A 46 18.09 3.16 -8.32
C TYR A 46 17.25 4.01 -7.38
N ILE A 47 17.90 4.81 -6.54
CA ILE A 47 17.22 5.63 -5.54
C ILE A 47 17.61 7.07 -5.78
N TYR A 48 16.62 7.95 -5.92
CA TYR A 48 16.86 9.37 -6.17
C TYR A 48 16.14 10.20 -5.13
N ASN A 49 16.87 11.10 -4.46
CA ASN A 49 16.33 11.90 -3.37
C ASN A 49 16.32 13.37 -3.75
N TYR A 50 15.26 14.08 -3.36
CA TYR A 50 15.04 15.45 -3.76
C TYR A 50 14.58 16.29 -2.58
N GLY A 51 15.18 17.47 -2.42
CA GLY A 51 14.58 18.44 -1.54
C GLY A 51 14.74 18.12 -0.06
N LEU A 52 13.73 18.51 0.73
CA LEU A 52 13.83 18.60 2.17
C LEU A 52 12.83 17.68 2.86
N ALA A 53 13.33 16.92 3.84
CA ALA A 53 12.46 16.19 4.75
C ALA A 53 11.81 17.11 5.76
N ALA A 54 12.47 18.22 6.10
CA ALA A 54 11.94 19.20 7.04
C ALA A 54 12.46 20.58 6.65
N LYS A 55 11.66 21.60 6.93
CA LYS A 55 11.98 22.96 6.48
C LYS A 55 12.74 23.79 7.51
N GLN A 56 12.45 23.64 8.81
CA GLN A 56 13.00 24.53 9.83
C GLN A 56 13.15 23.78 11.15
N PRO A 57 14.37 23.33 11.49
CA PRO A 57 15.61 23.45 10.73
C PRO A 57 15.62 22.57 9.49
N GLN A 58 16.28 23.04 8.43
CA GLN A 58 16.32 22.32 7.16
C GLN A 58 17.00 20.96 7.32
N GLN A 59 16.38 19.91 6.78
CA GLN A 59 16.98 18.61 6.73
C GLN A 59 16.71 18.04 5.33
N PRO A 60 17.73 17.56 4.64
CA PRO A 60 17.51 17.01 3.30
C PRO A 60 16.92 15.61 3.37
N VAL A 61 16.26 15.23 2.27
CA VAL A 61 15.92 13.83 2.07
C VAL A 61 17.20 13.05 1.80
N THR A 62 17.38 11.94 2.52
CA THR A 62 18.52 11.05 2.34
C THR A 62 18.01 9.63 2.13
N GLU A 63 18.94 8.70 1.94
CA GLU A 63 18.55 7.30 1.78
C GLU A 63 17.82 6.76 3.00
N ASN A 64 17.95 7.42 4.16
CA ASN A 64 17.33 6.94 5.38
C ASN A 64 16.01 7.65 5.71
N THR A 65 15.58 8.61 4.88
CA THR A 65 14.37 9.36 5.22
C THR A 65 13.13 8.47 5.25
N LEU A 66 12.36 8.59 6.32
CA LEU A 66 11.12 7.87 6.48
C LEU A 66 9.96 8.78 6.10
N PHE A 67 9.04 8.23 5.31
CA PHE A 67 7.82 8.92 4.91
C PHE A 67 6.62 8.10 5.40
N GLU A 68 5.55 8.80 5.75
CA GLU A 68 4.27 8.12 5.92
C GLU A 68 3.75 7.69 4.54
N VAL A 69 3.19 6.49 4.46
CA VAL A 69 2.66 6.00 3.19
C VAL A 69 1.16 5.78 3.20
N GLY A 70 0.49 6.11 4.29
CA GLY A 70 -0.96 6.08 4.29
C GLY A 70 -1.50 4.73 3.88
N SER A 71 -2.43 4.72 2.93
CA SER A 71 -3.10 3.48 2.56
C SER A 71 -2.22 2.47 1.87
N LEU A 72 -0.98 2.80 1.52
CA LEU A 72 -0.08 1.70 1.15
C LEU A 72 0.02 0.69 2.28
N SER A 73 -0.22 1.15 3.52
CA SER A 73 -0.19 0.28 4.68
C SER A 73 -1.17 -0.89 4.54
N LYS A 74 -2.25 -0.70 3.78
CA LYS A 74 -3.25 -1.74 3.63
C LYS A 74 -2.70 -2.96 2.92
N THR A 75 -1.71 -2.77 2.03
CA THR A 75 -1.12 -3.92 1.34
C THR A 75 -0.34 -4.82 2.30
N PHE A 76 0.16 -4.26 3.41
CA PHE A 76 0.83 -5.07 4.42
C PHE A 76 -0.18 -5.90 5.20
N ALA A 77 -1.35 -5.33 5.50
CA ALA A 77 -2.41 -6.12 6.11
C ALA A 77 -2.85 -7.24 5.19
N ALA A 78 -2.94 -6.98 3.88
CA ALA A 78 -3.29 -8.02 2.92
C ALA A 78 -2.21 -9.09 2.87
N THR A 79 -0.93 -8.68 2.82
CA THR A 79 0.15 -9.65 2.78
C THR A 79 0.13 -10.53 4.03
N LEU A 80 -0.16 -9.93 5.19
CA LEU A 80 -0.30 -10.72 6.42
C LEU A 80 -1.46 -11.70 6.33
N ALA A 81 -2.62 -11.27 5.84
CA ALA A 81 -3.74 -12.19 5.69
C ALA A 81 -3.40 -13.32 4.73
N SER A 82 -2.72 -12.98 3.64
CA SER A 82 -2.30 -14.00 2.68
C SER A 82 -1.32 -14.98 3.31
N TYR A 83 -0.38 -14.47 4.12
CA TYR A 83 0.55 -15.34 4.82
C TYR A 83 -0.20 -16.29 5.75
N ALA A 84 -1.19 -15.78 6.48
CA ALA A 84 -1.99 -16.64 7.33
C ALA A 84 -2.74 -17.68 6.51
N GLN A 85 -3.23 -17.28 5.33
CA GLN A 85 -3.98 -18.21 4.49
C GLN A 85 -3.09 -19.32 3.97
N VAL A 86 -1.94 -18.97 3.38
CA VAL A 86 -1.08 -20.02 2.84
C VAL A 86 -0.48 -20.88 3.93
N SER A 87 -0.40 -20.38 5.16
CA SER A 87 0.05 -21.14 6.31
C SER A 87 -1.05 -22.01 6.92
N GLY A 88 -2.26 -21.99 6.35
CA GLY A 88 -3.34 -22.84 6.83
C GLY A 88 -4.04 -22.34 8.08
N LYS A 89 -3.86 -21.08 8.45
CA LYS A 89 -4.47 -20.53 9.66
C LYS A 89 -5.74 -19.73 9.40
N LEU A 90 -6.02 -19.41 8.14
CA LEU A 90 -7.08 -18.48 7.78
C LEU A 90 -7.67 -18.94 6.45
N SER A 91 -8.99 -18.93 6.34
CA SER A 91 -9.67 -19.10 5.05
C SER A 91 -10.34 -17.79 4.68
N LEU A 92 -10.03 -17.28 3.49
CA LEU A 92 -10.60 -16.01 3.08
C LEU A 92 -12.11 -16.10 2.86
N ASP A 93 -12.60 -17.29 2.49
CA ASP A 93 -14.04 -17.43 2.24
C ASP A 93 -14.87 -17.49 3.51
N GLN A 94 -14.25 -17.72 4.68
CA GLN A 94 -15.01 -17.81 5.91
C GLN A 94 -15.50 -16.43 6.36
N SER A 95 -16.48 -16.44 7.24
CA SER A 95 -17.10 -15.21 7.72
C SER A 95 -16.21 -14.51 8.74
N VAL A 96 -16.38 -13.18 8.83
CA VAL A 96 -15.72 -12.41 9.87
C VAL A 96 -16.10 -12.93 11.25
N SER A 97 -17.39 -13.21 11.46
CA SER A 97 -17.82 -13.66 12.77
C SER A 97 -17.31 -15.07 13.10
N HIS A 98 -16.95 -15.86 12.09
CA HIS A 98 -16.28 -17.13 12.38
C HIS A 98 -15.00 -16.89 13.19
N TYR A 99 -14.23 -15.86 12.83
CA TYR A 99 -12.98 -15.57 13.49
C TYR A 99 -13.11 -14.57 14.63
N VAL A 100 -14.20 -13.81 14.68
CA VAL A 100 -14.42 -12.82 15.74
C VAL A 100 -15.72 -13.22 16.44
N PRO A 101 -15.66 -14.08 17.46
CA PRO A 101 -16.90 -14.66 17.99
C PRO A 101 -17.86 -13.66 18.61
N GLU A 102 -17.37 -12.53 19.10
CA GLU A 102 -18.27 -11.51 19.65
C GLU A 102 -19.20 -10.94 18.59
N LEU A 103 -18.86 -11.06 17.31
CA LEU A 103 -19.71 -10.58 16.23
C LEU A 103 -20.67 -11.64 15.72
N ARG A 104 -20.72 -12.83 16.33
CA ARG A 104 -21.64 -13.85 15.85
C ARG A 104 -23.08 -13.42 16.11
N GLY A 105 -23.92 -13.62 15.10
CA GLY A 105 -25.28 -13.13 15.13
C GLY A 105 -25.48 -11.74 14.56
N SER A 106 -24.40 -11.06 14.16
CA SER A 106 -24.47 -9.71 13.62
C SER A 106 -24.41 -9.78 12.09
N SER A 107 -24.30 -8.60 11.45
CA SER A 107 -24.12 -8.57 10.00
C SER A 107 -22.86 -9.31 9.57
N PHE A 108 -21.89 -9.47 10.46
CA PHE A 108 -20.64 -10.11 10.11
C PHE A 108 -20.76 -11.61 9.97
N ASP A 109 -21.93 -12.17 10.27
CA ASP A 109 -22.23 -13.53 9.83
C ASP A 109 -22.26 -13.64 8.32
N HIS A 110 -22.47 -12.52 7.62
CA HIS A 110 -22.66 -12.52 6.18
C HIS A 110 -21.57 -11.76 5.43
N VAL A 111 -20.49 -11.39 6.12
CA VAL A 111 -19.34 -10.71 5.53
C VAL A 111 -18.17 -11.68 5.61
N SER A 112 -17.53 -11.93 4.47
CA SER A 112 -16.36 -12.81 4.46
C SER A 112 -15.09 -12.04 4.77
N VAL A 113 -14.05 -12.78 5.17
CA VAL A 113 -12.72 -12.17 5.27
C VAL A 113 -12.31 -11.60 3.92
N LEU A 114 -12.62 -12.32 2.82
CA LEU A 114 -12.33 -11.78 1.51
C LEU A 114 -12.99 -10.43 1.29
N ASN A 115 -14.23 -10.26 1.75
CA ASN A 115 -14.90 -8.98 1.58
C ASN A 115 -14.11 -7.84 2.23
N VAL A 116 -13.64 -8.03 3.46
CA VAL A 116 -12.87 -6.95 4.08
C VAL A 116 -11.49 -6.81 3.45
N GLY A 117 -10.99 -7.86 2.79
CA GLY A 117 -9.74 -7.79 2.06
C GLY A 117 -9.82 -7.20 0.67
N THR A 118 -11.04 -6.93 0.19
CA THR A 118 -11.28 -6.43 -1.17
C THR A 118 -12.17 -5.20 -1.19
N HIS A 119 -12.44 -4.61 -0.03
CA HIS A 119 -13.27 -3.41 0.05
C HIS A 119 -14.71 -3.68 -0.38
N THR A 120 -15.20 -4.90 -0.19
CA THR A 120 -16.56 -5.24 -0.60
C THR A 120 -17.48 -5.58 0.58
N SER A 121 -17.07 -5.31 1.81
CA SER A 121 -18.00 -5.53 2.92
C SER A 121 -19.10 -4.47 2.96
N GLY A 122 -18.83 -3.26 2.46
CA GLY A 122 -19.74 -2.13 2.59
C GLY A 122 -19.45 -1.24 3.78
N LEU A 123 -18.50 -1.61 4.64
CA LEU A 123 -18.09 -0.71 5.71
C LEU A 123 -17.57 0.60 5.12
N GLN A 124 -17.83 1.70 5.83
CA GLN A 124 -17.49 3.02 5.37
C GLN A 124 -15.98 3.25 5.42
N LEU A 125 -15.55 4.37 4.83
CA LEU A 125 -14.13 4.64 4.73
C LEU A 125 -13.49 4.87 6.10
N PHE A 126 -14.05 5.78 6.89
CA PHE A 126 -13.38 6.26 8.08
C PHE A 126 -13.97 5.67 9.35
N MET A 127 -13.09 5.28 10.26
CA MET A 127 -13.52 4.90 11.59
C MET A 127 -14.18 6.10 12.27
N PRO A 128 -15.34 5.94 12.90
CA PRO A 128 -15.93 7.04 13.65
C PRO A 128 -14.97 7.56 14.73
N GLU A 129 -14.89 8.88 14.86
CA GLU A 129 -13.88 9.51 15.70
C GLU A 129 -14.07 9.21 17.18
N ASP A 130 -15.28 8.88 17.62
CA ASP A 130 -15.53 8.64 19.04
C ASP A 130 -15.24 7.21 19.47
N ILE A 131 -14.80 6.34 18.56
CA ILE A 131 -14.45 4.97 18.94
C ILE A 131 -13.01 4.97 19.42
N LYS A 132 -12.82 4.75 20.73
CA LYS A 132 -11.52 4.86 21.37
C LYS A 132 -10.93 3.54 21.84
N ASN A 133 -11.74 2.51 22.07
CA ASN A 133 -11.25 1.26 22.61
C ASN A 133 -11.99 0.10 21.97
N THR A 134 -11.50 -1.11 22.26
CA THR A 134 -12.02 -2.32 21.64
C THR A 134 -13.48 -2.57 22.03
N THR A 135 -13.87 -2.21 23.26
CA THR A 135 -15.26 -2.41 23.67
C THR A 135 -16.20 -1.56 22.82
N GLN A 136 -15.86 -0.28 22.63
CA GLN A 136 -16.66 0.58 21.77
C GLN A 136 -16.65 0.10 20.32
N LEU A 137 -15.49 -0.37 19.85
CA LEU A 137 -15.42 -0.86 18.47
C LEU A 137 -16.33 -2.06 18.27
N MET A 138 -16.34 -2.99 19.22
CA MET A 138 -17.16 -4.18 19.08
C MET A 138 -18.64 -3.87 19.18
N ALA A 139 -19.00 -2.93 20.07
CA ALA A 139 -20.40 -2.50 20.15
C ALA A 139 -20.86 -1.90 18.83
N TYR A 140 -20.00 -1.08 18.21
CA TYR A 140 -20.31 -0.49 16.92
C TYR A 140 -20.52 -1.58 15.87
N LEU A 141 -19.55 -2.49 15.75
CA LEU A 141 -19.61 -3.50 14.70
C LEU A 141 -20.81 -4.44 14.89
N LYS A 142 -21.16 -4.75 16.14
CA LYS A 142 -22.29 -5.63 16.43
C LYS A 142 -23.61 -5.02 15.98
N ALA A 143 -23.68 -3.70 15.87
CA ALA A 143 -24.92 -2.98 15.61
C ALA A 143 -24.97 -2.42 14.20
N TRP A 144 -23.97 -2.73 13.37
CA TRP A 144 -23.82 -2.12 12.05
C TRP A 144 -24.56 -2.92 10.99
N LYS A 145 -25.16 -2.20 10.03
CA LYS A 145 -25.79 -2.82 8.86
C LYS A 145 -25.49 -1.95 7.65
N PRO A 146 -25.07 -2.54 6.54
CA PRO A 146 -24.91 -1.76 5.30
C PRO A 146 -26.23 -1.64 4.56
N ALA A 147 -26.29 -0.63 3.68
CA ALA A 147 -27.47 -0.44 2.85
C ALA A 147 -27.60 -1.51 1.77
N ASP A 148 -26.47 -2.01 1.26
CA ASP A 148 -26.45 -3.06 0.26
C ASP A 148 -25.74 -4.28 0.83
N ALA A 149 -26.05 -5.46 0.32
CA ALA A 149 -25.46 -6.68 0.84
C ALA A 149 -23.95 -6.71 0.60
N ALA A 150 -23.21 -7.28 1.55
CA ALA A 150 -21.79 -7.52 1.35
C ALA A 150 -21.56 -8.30 0.06
N GLY A 151 -20.54 -7.87 -0.70
CA GLY A 151 -20.21 -8.49 -1.96
C GLY A 151 -20.83 -7.85 -3.18
N THR A 152 -21.62 -6.79 -3.00
CA THR A 152 -22.28 -6.15 -4.13
C THR A 152 -21.58 -4.89 -4.62
N HIS A 153 -20.88 -4.18 -3.72
CA HIS A 153 -20.29 -2.89 -4.05
C HIS A 153 -18.88 -2.81 -3.49
N ARG A 154 -18.05 -2.01 -4.15
CA ARG A 154 -16.72 -1.70 -3.64
C ARG A 154 -16.77 -0.34 -2.96
N VAL A 155 -16.37 -0.30 -1.70
CA VAL A 155 -16.27 0.93 -0.93
C VAL A 155 -14.94 0.84 -0.19
N PHE A 156 -14.00 1.72 -0.51
CA PHE A 156 -12.72 1.69 0.18
C PHE A 156 -12.97 1.93 1.66
N SER A 157 -12.34 1.12 2.52
CA SER A 157 -12.66 1.14 3.93
C SER A 157 -11.42 0.98 4.79
N ASN A 158 -11.17 1.95 5.68
CA ASN A 158 -10.16 1.74 6.70
C ASN A 158 -10.64 0.75 7.76
N ILE A 159 -11.94 0.73 8.06
CA ILE A 159 -12.47 -0.20 9.06
C ILE A 159 -12.31 -1.63 8.56
N GLY A 160 -12.69 -1.88 7.31
CA GLY A 160 -12.55 -3.22 6.75
C GLY A 160 -11.10 -3.70 6.76
N THR A 161 -10.16 -2.82 6.37
CA THR A 161 -8.76 -3.23 6.41
C THR A 161 -8.33 -3.51 7.85
N GLY A 162 -8.85 -2.73 8.79
CA GLY A 162 -8.58 -3.00 10.20
C GLY A 162 -8.98 -4.40 10.60
N LEU A 163 -10.19 -4.82 10.21
CA LEU A 163 -10.64 -6.17 10.52
C LEU A 163 -9.77 -7.21 9.84
N LEU A 164 -9.42 -6.98 8.57
CA LEU A 164 -8.55 -7.90 7.84
C LEU A 164 -7.26 -8.16 8.61
N GLY A 165 -6.57 -7.08 9.02
CA GLY A 165 -5.32 -7.25 9.73
C GLY A 165 -5.49 -7.84 11.10
N MET A 166 -6.53 -7.43 11.82
CA MET A 166 -6.79 -7.98 13.15
C MET A 166 -7.04 -9.48 13.09
N ILE A 167 -7.86 -9.92 12.14
CA ILE A 167 -8.17 -11.34 11.99
C ILE A 167 -6.93 -12.11 11.59
N ALA A 168 -6.16 -11.58 10.65
CA ALA A 168 -4.95 -12.28 10.21
C ALA A 168 -3.98 -12.45 11.38
N ALA A 169 -3.75 -11.39 12.14
CA ALA A 169 -2.81 -11.47 13.25
C ALA A 169 -3.30 -12.44 14.31
N LYS A 170 -4.57 -12.38 14.67
CA LYS A 170 -5.10 -13.28 15.68
C LYS A 170 -4.98 -14.74 15.25
N SER A 171 -5.19 -15.02 13.94
CA SER A 171 -5.06 -16.37 13.44
C SER A 171 -3.63 -16.88 13.56
N LEU A 172 -2.65 -15.99 13.65
CA LEU A 172 -1.26 -16.33 13.92
C LEU A 172 -0.90 -16.21 15.39
N GLY A 173 -1.88 -15.91 16.24
CA GLY A 173 -1.67 -15.88 17.68
C GLY A 173 -1.01 -14.65 18.24
N VAL A 174 -1.01 -13.53 17.51
CA VAL A 174 -0.30 -12.32 17.92
C VAL A 174 -1.16 -11.10 17.64
N SER A 175 -0.74 -9.99 18.23
CA SER A 175 -1.31 -8.69 17.89
C SER A 175 -0.86 -8.28 16.49
N TYR A 176 -1.60 -7.35 15.87
CA TYR A 176 -1.24 -6.89 14.54
C TYR A 176 0.13 -6.22 14.55
N GLU A 177 0.41 -5.44 15.59
CA GLU A 177 1.69 -4.73 15.67
C GLU A 177 2.85 -5.72 15.73
N ASP A 178 2.70 -6.77 16.53
CA ASP A 178 3.69 -7.84 16.59
C ASP A 178 3.82 -8.54 15.24
N ALA A 179 2.67 -8.89 14.62
CA ALA A 179 2.73 -9.60 13.36
C ALA A 179 3.51 -8.81 12.32
N ILE A 180 3.30 -7.50 12.28
CA ILE A 180 3.94 -6.67 11.25
C ILE A 180 5.40 -6.41 11.59
N GLU A 181 5.69 -5.95 12.81
CA GLU A 181 7.04 -5.54 13.15
C GLU A 181 7.94 -6.69 13.56
N LYS A 182 7.38 -7.81 14.02
CA LYS A 182 8.21 -8.93 14.43
C LYS A 182 8.21 -10.08 13.42
N THR A 183 7.16 -10.21 12.60
CA THR A 183 7.13 -11.30 11.62
C THR A 183 7.26 -10.80 10.18
N LEU A 184 6.34 -9.95 9.73
CA LEU A 184 6.24 -9.70 8.29
C LEU A 184 7.41 -8.84 7.79
N LEU A 185 7.58 -7.65 8.35
CA LEU A 185 8.64 -6.77 7.87
C LEU A 185 10.02 -7.40 8.03
N PRO A 186 10.36 -8.06 9.15
CA PRO A 186 11.67 -8.73 9.22
C PRO A 186 11.85 -9.81 8.17
N GLN A 187 10.83 -10.63 7.91
CA GLN A 187 10.95 -11.68 6.91
C GLN A 187 11.12 -11.09 5.51
N LEU A 188 10.61 -9.89 5.29
CA LEU A 188 10.79 -9.22 4.01
C LEU A 188 12.11 -8.45 3.93
N GLY A 189 12.88 -8.41 5.02
CA GLY A 189 14.12 -7.68 5.00
C GLY A 189 13.95 -6.17 5.07
N MET A 190 12.81 -5.70 5.54
CA MET A 190 12.49 -4.28 5.55
C MET A 190 12.78 -3.74 6.94
N HIS A 191 14.06 -3.45 7.18
CA HIS A 191 14.56 -3.10 8.50
C HIS A 191 14.38 -1.64 8.85
N HIS A 192 13.99 -0.80 7.88
CA HIS A 192 13.72 0.62 8.08
C HIS A 192 12.26 0.92 7.81
N SER A 193 11.38 0.01 8.21
CA SER A 193 9.93 0.14 8.06
C SER A 193 9.30 -0.10 9.41
N TYR A 194 8.35 0.75 9.79
CA TYR A 194 7.85 0.76 11.16
C TYR A 194 6.38 1.12 11.18
N LEU A 195 5.67 0.56 12.16
CA LEU A 195 4.42 1.15 12.62
C LEU A 195 4.64 2.23 13.66
N LYS A 196 5.66 2.09 14.50
CA LYS A 196 6.06 3.15 15.43
C LYS A 196 7.54 3.40 15.25
N VAL A 197 7.89 4.63 14.91
CA VAL A 197 9.28 4.96 14.59
C VAL A 197 10.11 5.01 15.88
N PRO A 198 11.22 4.30 15.96
CA PRO A 198 12.02 4.28 17.18
C PRO A 198 12.85 5.56 17.31
N ALA A 199 13.38 5.76 18.53
CA ALA A 199 14.02 7.03 18.88
C ALA A 199 15.23 7.32 18.01
N ASP A 200 15.99 6.29 17.62
CA ASP A 200 17.17 6.50 16.80
C ASP A 200 16.84 6.83 15.35
N GLN A 201 15.57 6.72 14.97
CA GLN A 201 15.14 7.03 13.61
C GLN A 201 14.29 8.29 13.53
N MET A 202 13.96 8.90 14.66
CA MET A 202 13.13 10.10 14.61
C MET A 202 13.80 11.22 13.81
N GLU A 203 15.13 11.32 13.87
CA GLU A 203 15.82 12.34 13.09
C GLU A 203 15.64 12.14 11.60
N ASN A 204 15.26 10.93 11.18
CA ASN A 204 15.03 10.59 9.78
C ASN A 204 13.57 10.64 9.36
N TYR A 205 12.66 10.90 10.29
CA TYR A 205 11.22 10.89 10.01
C TYR A 205 10.85 12.25 9.45
N ALA A 206 10.61 12.31 8.14
CA ALA A 206 10.25 13.57 7.51
C ALA A 206 9.00 14.13 8.16
N TRP A 207 8.91 15.47 8.17
CA TRP A 207 7.64 16.11 8.48
C TRP A 207 6.77 16.11 7.23
N GLY A 208 5.47 15.86 7.43
CA GLY A 208 4.51 16.06 6.37
C GLY A 208 4.05 17.50 6.36
N TYR A 209 3.57 17.95 5.21
CA TYR A 209 3.08 19.32 5.08
C TYR A 209 1.67 19.27 4.53
N ASN A 210 0.71 19.79 5.30
CA ASN A 210 -0.70 19.65 4.98
C ASN A 210 -1.10 20.68 3.90
N LYS A 211 -2.40 20.77 3.60
CA LYS A 211 -2.86 21.70 2.58
C LYS A 211 -2.54 23.15 2.93
N LYS A 212 -2.44 23.47 4.22
CA LYS A 212 -2.03 24.79 4.68
C LYS A 212 -0.52 24.92 4.87
N ASP A 213 0.26 23.93 4.42
CA ASP A 213 1.71 23.94 4.56
C ASP A 213 2.17 23.92 6.01
N GLU A 214 1.36 23.35 6.89
CA GLU A 214 1.75 23.19 8.29
C GLU A 214 2.43 21.83 8.47
N PRO A 215 3.49 21.75 9.29
CA PRO A 215 4.14 20.45 9.50
C PRO A 215 3.31 19.55 10.39
N VAL A 216 3.09 18.30 9.95
CA VAL A 216 2.20 17.37 10.63
C VAL A 216 2.74 15.96 10.53
N HIS A 217 2.41 15.15 11.54
CA HIS A 217 2.59 13.70 11.52
C HIS A 217 1.24 13.06 11.79
N VAL A 218 1.04 11.86 11.25
CA VAL A 218 -0.25 11.20 11.38
C VAL A 218 -0.49 10.78 12.82
N ASN A 219 -1.72 10.96 13.29
CA ASN A 219 -2.12 10.53 14.63
C ASN A 219 -2.71 9.13 14.55
N MET A 220 -2.13 8.20 15.30
CA MET A 220 -2.53 6.80 15.23
C MET A 220 -3.71 6.57 16.17
N GLU A 221 -4.83 6.13 15.61
CA GLU A 221 -6.04 5.82 16.37
C GLU A 221 -6.39 4.34 16.19
N ILE A 222 -7.54 3.93 16.72
CA ILE A 222 -7.86 2.50 16.80
C ILE A 222 -7.91 1.89 15.41
N LEU A 223 -7.28 0.71 15.26
CA LEU A 223 -7.14 0.00 13.99
C LEU A 223 -6.41 0.81 12.93
N GLY A 224 -5.71 1.87 13.34
CA GLY A 224 -5.01 2.70 12.39
C GLY A 224 -3.77 2.05 11.83
N ASN A 225 -3.14 1.16 12.58
CA ASN A 225 -1.92 0.52 12.07
C ASN A 225 -2.20 -0.21 10.76
N GLU A 226 -3.34 -0.91 10.69
CA GLU A 226 -3.70 -1.69 9.52
C GLU A 226 -3.92 -0.80 8.30
N ALA A 227 -4.53 0.36 8.49
CA ALA A 227 -4.99 1.18 7.38
C ALA A 227 -3.99 2.25 6.98
N TYR A 228 -3.19 2.78 7.93
CA TYR A 228 -2.33 3.92 7.62
C TYR A 228 -1.10 4.00 8.52
N GLY A 229 -0.65 2.91 9.13
CA GLY A 229 0.40 3.03 10.11
C GLY A 229 1.83 3.00 9.64
N ILE A 230 2.12 2.65 8.38
CA ILE A 230 3.50 2.38 8.00
C ILE A 230 4.26 3.68 7.72
N LYS A 231 5.45 3.77 8.28
CA LYS A 231 6.46 4.77 7.91
C LYS A 231 7.67 4.01 7.41
N THR A 232 8.22 4.41 6.27
CA THR A 232 9.23 3.57 5.62
C THR A 232 10.07 4.41 4.67
N THR A 233 11.16 3.81 4.18
CA THR A 233 12.02 4.44 3.19
C THR A 233 11.65 3.94 1.80
N SER A 234 12.04 4.71 0.80
CA SER A 234 11.83 4.26 -0.58
C SER A 234 12.61 2.98 -0.86
N SER A 235 13.80 2.83 -0.25
CA SER A 235 14.58 1.62 -0.45
C SER A 235 13.88 0.39 0.08
N ASP A 236 13.28 0.49 1.27
CA ASP A 236 12.57 -0.66 1.80
C ASP A 236 11.36 -0.99 0.94
N LEU A 237 10.63 0.04 0.47
CA LEU A 237 9.49 -0.24 -0.40
C LEU A 237 9.93 -0.81 -1.74
N LEU A 238 11.10 -0.43 -2.24
CA LEU A 238 11.57 -1.06 -3.47
C LEU A 238 11.90 -2.54 -3.23
N ARG A 239 12.46 -2.88 -2.07
CA ARG A 239 12.63 -4.29 -1.73
C ARG A 239 11.28 -5.01 -1.72
N TYR A 240 10.25 -4.36 -1.16
CA TYR A 240 8.91 -4.94 -1.14
C TYR A 240 8.40 -5.19 -2.56
N VAL A 241 8.65 -4.23 -3.45
CA VAL A 241 8.26 -4.39 -4.86
C VAL A 241 9.01 -5.58 -5.49
N GLN A 242 10.33 -5.65 -5.27
CA GLN A 242 11.09 -6.77 -5.81
C GLN A 242 10.59 -8.10 -5.26
N ALA A 243 10.29 -8.15 -3.96
CA ALA A 243 9.77 -9.38 -3.38
C ALA A 243 8.44 -9.75 -4.01
N ASN A 244 7.59 -8.75 -4.28
CA ASN A 244 6.33 -9.02 -4.96
C ASN A 244 6.52 -9.53 -6.39
N MET A 245 7.70 -9.34 -6.96
CA MET A 245 8.01 -9.89 -8.27
C MET A 245 8.90 -11.12 -8.20
N GLY A 246 9.07 -11.72 -7.03
CA GLY A 246 9.82 -12.96 -6.89
C GLY A 246 11.30 -12.84 -7.17
N GLN A 247 11.88 -11.66 -7.02
CA GLN A 247 13.25 -11.44 -7.45
C GLN A 247 14.27 -11.72 -6.36
N LEU A 248 13.84 -11.90 -5.12
CA LEU A 248 14.75 -11.97 -3.98
C LEU A 248 14.73 -13.35 -3.36
N LYS A 249 15.89 -13.75 -2.84
CA LYS A 249 15.99 -15.04 -2.14
C LYS A 249 15.04 -15.08 -0.95
N LEU A 250 14.85 -13.95 -0.27
CA LEU A 250 13.99 -13.86 0.90
C LEU A 250 14.46 -14.83 1.97
N ALA A 252 12.60 -14.52 5.12
CA ALA A 252 11.22 -14.90 4.85
C ALA A 252 11.04 -16.40 4.80
N ASN A 253 10.34 -16.85 3.77
CA ASN A 253 9.98 -18.25 3.66
C ASN A 253 9.59 -18.52 2.21
N ALA A 254 9.55 -19.80 1.85
CA ALA A 254 8.74 -20.18 0.70
C ALA A 254 7.30 -19.75 0.92
N LYS A 255 6.81 -19.89 2.15
CA LYS A 255 5.46 -19.44 2.47
C LYS A 255 5.32 -17.93 2.27
N MET A 256 6.36 -17.17 2.59
CA MET A 256 6.25 -15.72 2.44
C MET A 256 6.19 -15.32 0.97
N GLN A 257 6.98 -15.96 0.11
CA GLN A 257 6.88 -15.67 -1.32
C GLN A 257 5.49 -16.00 -1.83
N GLN A 258 4.96 -17.16 -1.45
CA GLN A 258 3.61 -17.53 -1.86
C GLN A 258 2.59 -16.52 -1.37
N ALA A 259 2.78 -16.02 -0.15
CA ALA A 259 1.87 -15.04 0.42
C ALA A 259 1.87 -13.74 -0.40
N LEU A 260 3.06 -13.23 -0.72
CA LEU A 260 3.16 -12.01 -1.52
C LEU A 260 2.49 -12.19 -2.87
N THR A 261 2.85 -13.26 -3.57
CA THR A 261 2.29 -13.49 -4.90
C THR A 261 0.77 -13.60 -4.85
N ALA A 262 0.26 -14.30 -3.84
CA ALA A 262 -1.18 -14.54 -3.77
C ALA A 262 -1.99 -13.28 -3.52
N THR A 263 -1.38 -12.21 -3.00
CA THR A 263 -2.13 -10.97 -2.86
C THR A 263 -2.51 -10.38 -4.20
N HIS A 264 -1.85 -10.82 -5.28
CA HIS A 264 -2.16 -10.32 -6.61
C HIS A 264 -3.33 -11.05 -7.27
N THR A 265 -3.94 -12.02 -6.57
CA THR A 265 -5.09 -12.72 -7.12
C THR A 265 -6.23 -11.74 -7.34
N GLY A 266 -6.88 -11.85 -8.49
CA GLY A 266 -7.93 -10.92 -8.85
C GLY A 266 -9.29 -11.43 -8.44
N TYR A 267 -9.97 -10.68 -7.56
CA TYR A 267 -11.21 -11.16 -6.94
C TYR A 267 -12.47 -10.45 -7.41
N PHE A 268 -12.40 -9.17 -7.76
CA PHE A 268 -13.57 -8.42 -8.19
C PHE A 268 -13.16 -7.45 -9.29
N LYS A 269 -14.12 -7.13 -10.16
CA LYS A 269 -13.95 -6.10 -11.17
C LYS A 269 -14.87 -4.93 -10.82
N SER A 270 -14.33 -3.71 -10.90
CA SER A 270 -15.10 -2.49 -10.73
C SER A 270 -14.68 -1.54 -11.84
N GLY A 271 -15.59 -1.23 -12.75
CA GLY A 271 -15.20 -0.46 -13.91
C GLY A 271 -14.13 -1.21 -14.67
N GLU A 272 -13.02 -0.52 -14.98
CA GLU A 272 -11.91 -1.15 -15.64
C GLU A 272 -10.90 -1.76 -14.67
N ILE A 273 -11.08 -1.58 -13.36
CA ILE A 273 -10.09 -1.96 -12.36
C ILE A 273 -10.39 -3.36 -11.84
N THR A 274 -9.33 -4.16 -11.68
CA THR A 274 -9.40 -5.44 -10.98
C THR A 274 -8.93 -5.23 -9.55
N GLN A 275 -9.77 -5.62 -8.60
CA GLN A 275 -9.45 -5.54 -7.18
C GLN A 275 -8.81 -6.85 -6.74
N ASP A 276 -7.56 -6.78 -6.31
CA ASP A 276 -6.87 -7.93 -5.74
C ASP A 276 -7.04 -7.88 -4.21
N LEU A 277 -6.13 -8.51 -3.47
CA LEU A 277 -6.15 -8.37 -2.02
C LEU A 277 -5.45 -7.07 -1.69
N MET A 278 -6.26 -6.01 -1.53
CA MET A 278 -5.83 -4.62 -1.35
C MET A 278 -5.16 -4.00 -2.58
N TRP A 279 -4.19 -4.67 -3.20
CA TRP A 279 -3.66 -4.16 -4.46
C TRP A 279 -4.77 -4.02 -5.50
N GLU A 280 -4.57 -3.11 -6.45
CA GLU A 280 -5.43 -2.94 -7.61
C GLU A 280 -4.60 -3.14 -8.87
N GLN A 281 -5.21 -3.65 -9.93
CA GLN A 281 -4.45 -3.89 -11.15
C GLN A 281 -5.29 -3.60 -12.39
N LEU A 282 -4.58 -3.36 -13.50
CA LEU A 282 -5.12 -3.18 -14.84
C LEU A 282 -4.33 -4.05 -15.79
N PRO A 283 -4.92 -4.48 -16.90
CA PRO A 283 -4.13 -5.19 -17.91
C PRO A 283 -3.02 -4.31 -18.47
N TYR A 284 -1.85 -4.92 -18.71
CA TYR A 284 -0.71 -4.22 -19.28
C TYR A 284 -0.50 -4.71 -20.71
N PRO A 285 -0.19 -3.81 -21.67
CA PRO A 285 0.04 -2.37 -21.54
C PRO A 285 -1.19 -1.58 -21.13
N VAL A 286 -0.99 -0.55 -20.34
CA VAL A 286 -2.05 0.35 -19.90
C VAL A 286 -1.95 1.62 -20.72
N SER A 287 -3.09 2.17 -21.11
CA SER A 287 -3.06 3.53 -21.62
C SER A 287 -3.32 4.47 -20.46
N LEU A 288 -2.66 5.62 -20.49
CA LEU A 288 -2.81 6.59 -19.42
C LEU A 288 -4.27 6.96 -19.14
N PRO A 289 -5.14 7.16 -20.14
CA PRO A 289 -6.56 7.44 -19.82
C PRO A 289 -7.25 6.45 -18.89
N ASN A 290 -7.11 5.14 -19.09
CA ASN A 290 -7.76 4.18 -18.20
C ASN A 290 -7.12 4.20 -16.81
N LEU A 291 -5.81 4.42 -16.76
CA LEU A 291 -5.16 4.66 -15.46
C LEU A 291 -5.83 5.82 -14.75
N LEU A 292 -6.02 6.93 -15.45
CA LEU A 292 -6.68 8.09 -14.85
C LEU A 292 -8.16 7.83 -14.64
N THR A 293 -8.81 7.15 -15.57
CA THR A 293 -10.22 6.80 -15.40
C THR A 293 -10.42 5.90 -14.19
N GLY A 294 -9.46 5.02 -13.90
CA GLY A 294 -9.55 4.20 -12.72
C GLY A 294 -9.43 4.92 -11.40
N ASN A 295 -9.21 6.23 -11.43
CA ASN A 295 -9.09 7.01 -10.20
C ASN A 295 -10.00 8.24 -10.23
N SER A 302 -19.30 1.83 -5.98
CA SER A 302 -19.27 1.24 -7.31
C SER A 302 -19.72 -0.21 -7.26
N VAL A 303 -20.36 -0.70 -8.32
CA VAL A 303 -20.73 -2.11 -8.38
C VAL A 303 -19.47 -2.95 -8.48
N ALA A 304 -19.43 -4.05 -7.74
CA ALA A 304 -18.32 -5.00 -7.74
C ALA A 304 -18.81 -6.32 -8.29
N THR A 305 -18.18 -6.80 -9.38
CA THR A 305 -18.54 -8.07 -9.96
C THR A 305 -17.51 -9.12 -9.57
N PRO A 306 -17.90 -10.24 -8.97
CA PRO A 306 -16.90 -11.24 -8.60
C PRO A 306 -16.25 -11.87 -9.81
N ILE A 307 -14.97 -12.18 -9.65
CA ILE A 307 -14.21 -12.96 -10.62
C ILE A 307 -14.09 -14.35 -10.02
N VAL A 308 -14.84 -15.30 -10.57
CA VAL A 308 -14.90 -16.63 -9.96
C VAL A 308 -14.83 -17.67 -11.08
N PRO A 309 -13.85 -18.58 -11.06
CA PRO A 309 -12.73 -18.63 -10.10
C PRO A 309 -11.86 -17.37 -10.18
N PRO A 310 -11.18 -17.04 -9.09
CA PRO A 310 -10.39 -15.80 -9.08
C PRO A 310 -9.31 -15.83 -10.17
N LEU A 311 -8.98 -14.65 -10.67
CA LEU A 311 -7.92 -14.54 -11.66
C LEU A 311 -6.59 -14.83 -10.98
N PRO A 312 -5.84 -15.84 -11.39
CA PRO A 312 -4.57 -16.12 -10.74
C PRO A 312 -3.63 -14.93 -10.87
N PRO A 313 -2.68 -14.78 -9.95
CA PRO A 313 -1.64 -13.75 -10.11
C PRO A 313 -1.05 -13.77 -11.51
N GLN A 314 -0.98 -12.60 -12.14
CA GLN A 314 -0.57 -12.46 -13.52
C GLN A 314 0.78 -11.75 -13.63
N GLU A 315 1.43 -11.96 -14.77
CA GLU A 315 2.60 -11.18 -15.16
C GLU A 315 2.21 -9.94 -15.95
N ASN A 316 1.26 -10.08 -16.88
CA ASN A 316 0.97 -9.04 -17.86
C ASN A 316 -0.05 -8.04 -17.32
N VAL A 317 0.30 -7.41 -16.19
CA VAL A 317 -0.59 -6.47 -15.53
C VAL A 317 0.23 -5.36 -14.91
N TRP A 318 -0.44 -4.21 -14.72
CA TRP A 318 0.08 -3.07 -13.98
C TRP A 318 -0.57 -3.15 -12.60
N ILE A 319 0.22 -3.43 -11.57
CA ILE A 319 -0.27 -3.55 -10.19
C ILE A 319 0.13 -2.30 -9.45
N ASN A 320 -0.81 -1.72 -8.69
CA ASN A 320 -0.49 -0.43 -8.08
C ASN A 320 -1.31 -0.17 -6.82
N LYS A 321 -0.86 0.82 -6.07
CA LYS A 321 -1.57 1.27 -4.89
C LYS A 321 -1.13 2.70 -4.58
N THR A 322 -2.10 3.57 -4.32
CA THR A 322 -1.81 4.90 -3.78
C THR A 322 -2.04 4.91 -2.28
N GLY A 323 -1.42 5.86 -1.62
CA GLY A 323 -1.66 6.07 -0.22
C GLY A 323 -1.37 7.51 0.15
N SER A 324 -2.15 8.03 1.10
CA SER A 324 -1.97 9.40 1.54
C SER A 324 -2.28 9.52 3.02
N THR A 325 -1.66 10.51 3.65
CA THR A 325 -2.11 11.04 4.93
C THR A 325 -2.27 12.53 4.76
N ASN A 326 -2.61 13.23 5.84
CA ASN A 326 -2.79 14.68 5.71
C ASN A 326 -1.54 15.38 5.21
N GLY A 327 -0.36 14.85 5.52
CA GLY A 327 0.89 15.47 5.12
C GLY A 327 1.73 14.75 4.09
N PHE A 328 1.27 13.63 3.52
CA PHE A 328 2.11 12.80 2.68
C PHE A 328 1.31 12.21 1.53
N GLY A 329 2.02 11.95 0.42
CA GLY A 329 1.43 11.29 -0.74
C GLY A 329 2.39 10.27 -1.31
N ALA A 330 1.97 9.01 -1.40
CA ALA A 330 2.82 7.90 -1.80
C ALA A 330 2.16 7.14 -2.95
N TYR A 331 2.99 6.42 -3.71
CA TYR A 331 2.49 5.62 -4.82
C TYR A 331 3.48 4.50 -5.13
N ILE A 332 2.95 3.32 -5.42
CA ILE A 332 3.73 2.20 -5.93
C ILE A 332 3.05 1.68 -7.18
N ALA A 333 3.83 1.39 -8.22
CA ALA A 333 3.34 0.63 -9.36
C ALA A 333 4.42 -0.33 -9.82
N PHE A 334 4.02 -1.52 -10.24
CA PHE A 334 4.98 -2.47 -10.79
C PHE A 334 4.31 -3.36 -11.82
N VAL A 335 5.13 -3.86 -12.75
CA VAL A 335 4.68 -4.69 -13.86
C VAL A 335 5.50 -5.98 -13.81
N PRO A 336 4.96 -7.06 -13.28
CA PRO A 336 5.79 -8.26 -13.10
C PRO A 336 6.39 -8.79 -14.40
N ALA A 337 5.64 -8.72 -15.51
CA ALA A 337 6.15 -9.21 -16.79
C ALA A 337 7.41 -8.49 -17.22
N LYS A 338 7.57 -7.24 -16.78
CA LYS A 338 8.74 -6.45 -17.14
C LYS A 338 9.76 -6.36 -16.02
N LYS A 339 9.53 -7.03 -14.89
CA LYS A 339 10.39 -6.94 -13.70
C LYS A 339 10.78 -5.49 -13.43
N MET A 340 9.82 -4.59 -13.51
CA MET A 340 10.08 -3.18 -13.28
C MET A 340 9.06 -2.61 -12.31
N GLY A 341 9.49 -1.64 -11.53
CA GLY A 341 8.60 -1.03 -10.56
C GLY A 341 9.13 0.31 -10.10
N ILE A 342 8.23 1.07 -9.48
CA ILE A 342 8.55 2.41 -9.00
C ILE A 342 7.86 2.66 -7.67
N VAL A 343 8.58 3.37 -6.80
CA VAL A 343 8.06 3.90 -5.55
C VAL A 343 8.26 5.40 -5.59
N MET A 344 7.21 6.17 -5.35
CA MET A 344 7.31 7.63 -5.26
C MET A 344 6.76 8.06 -3.91
N LEU A 345 7.62 8.64 -3.08
CA LEU A 345 7.24 9.12 -1.76
C LEU A 345 7.41 10.63 -1.70
N ALA A 346 6.40 11.32 -1.15
CA ALA A 346 6.44 12.77 -1.01
C ALA A 346 5.90 13.17 0.36
N ASN A 347 6.46 14.24 0.92
CA ASN A 347 5.93 14.81 2.17
C ASN A 347 4.96 15.95 1.92
N LYS A 348 4.11 15.77 0.90
CA LYS A 348 2.91 16.56 0.71
C LYS A 348 1.93 15.70 -0.07
N ASN A 349 0.66 15.80 0.28
CA ASN A 349 -0.40 15.02 -0.37
C ASN A 349 -0.81 15.77 -1.64
N TYR A 350 -0.33 15.30 -2.78
CA TYR A 350 -0.66 15.89 -4.07
C TYR A 350 -1.48 14.91 -4.90
N SER A 351 -2.12 15.43 -5.95
CA SER A 351 -3.22 14.69 -6.55
C SER A 351 -2.77 13.39 -7.22
N ILE A 352 -3.63 12.38 -7.11
CA ILE A 352 -3.31 11.04 -7.59
C ILE A 352 -3.07 11.02 -9.10
N ASP A 353 -3.80 11.86 -9.86
CA ASP A 353 -3.59 11.89 -11.31
C ASP A 353 -2.14 12.21 -11.64
N GLN A 354 -1.50 13.06 -10.85
CA GLN A 354 -0.12 13.40 -11.12
C GLN A 354 0.81 12.25 -10.74
N ARG A 355 0.53 11.56 -9.63
CA ARG A 355 1.34 10.41 -9.24
C ARG A 355 1.35 9.37 -10.34
N VAL A 356 0.17 9.01 -10.84
CA VAL A 356 0.07 7.95 -11.84
C VAL A 356 0.69 8.39 -13.17
N THR A 357 0.50 9.66 -13.55
CA THR A 357 1.05 10.15 -14.81
C THR A 357 2.57 10.09 -14.80
N VAL A 358 3.18 10.60 -13.72
CA VAL A 358 4.64 10.58 -13.61
C VAL A 358 5.17 9.16 -13.60
N ALA A 359 4.55 8.28 -12.81
CA ALA A 359 4.99 6.88 -12.77
C ALA A 359 4.89 6.24 -14.14
N TYR A 360 3.78 6.48 -14.85
CA TYR A 360 3.61 5.94 -16.19
C TYR A 360 4.73 6.42 -17.11
N LYS A 361 5.04 7.72 -17.07
CA LYS A 361 6.08 8.25 -17.94
C LYS A 361 7.45 7.67 -17.60
N ILE A 362 7.74 7.48 -16.30
CA ILE A 362 9.03 6.92 -15.93
C ILE A 362 9.14 5.45 -16.36
N LEU A 363 8.15 4.64 -16.02
CA LEU A 363 8.22 3.22 -16.37
C LEU A 363 8.22 3.01 -17.88
N SER A 364 7.47 3.84 -18.62
CA SER A 364 7.45 3.72 -20.07
C SER A 364 8.81 4.00 -20.65
N SER A 365 9.60 4.82 -19.97
CA SER A 365 10.91 5.22 -20.44
C SER A 365 11.94 4.10 -20.36
N LEU A 366 11.65 3.03 -19.61
CA LEU A 366 12.69 2.07 -19.26
C LEU A 366 12.92 1.00 -20.32
N GLU A 367 12.24 1.05 -21.47
CA GLU A 367 12.54 0.14 -22.56
C GLU A 367 12.00 0.73 -23.85
N GLY A 368 12.56 0.28 -24.97
CA GLY A 368 12.12 0.77 -26.25
C GLY A 368 10.69 0.38 -26.57
N ASN A 369 10.11 1.08 -27.53
CA ASN A 369 8.77 0.73 -28.00
C ASN A 369 8.87 -0.43 -28.99
N LYS A 370 7.91 -1.34 -28.90
CA LYS A 370 7.86 -2.47 -29.81
C LYS A 370 6.42 -2.97 -29.94
#